data_3FIX
#
_entry.id   3FIX
#
_cell.length_a   42.229
_cell.length_b   60.915
_cell.length_c   72.116
_cell.angle_alpha   101.19
_cell.angle_beta   90.10
_cell.angle_gamma   89.97
#
_symmetry.space_group_name_H-M   'P 1'
#
loop_
_entity.id
_entity.type
_entity.pdbx_description
1 polymer N-ACETYLTRANSFERASE
2 non-polymer 1,2-ETHANEDIOL
3 water water
#
_entity_poly.entity_id   1
_entity_poly.type   'polypeptide(L)'
_entity_poly.pdbx_seq_one_letter_code
;(MSE)HHHHHHSSGVDLGTENLYFQSNA(MSE)SIEIRKLSIEDLETLIEVARESWKWTYAGIYSEEYIESWIREKYSKE
KLLNEIVRSQSNLDILFLGAFADSTLIGFIELKIIANKAELLRLYLKPEYTHKKIGKTLLLEAEKI(MSE)KKKGILECR
LYVHRQNSVGFSFYYKNGFKVEDTDGSDFI(MSE)EKKY
;
_entity_poly.pdbx_strand_id   A,B,C,D
#
# COMPACT_ATOMS: atom_id res chain seq x y z
N TYR A 19 -3.99 -24.81 9.65
CA TYR A 19 -4.99 -23.71 9.69
C TYR A 19 -5.31 -23.17 8.31
N PHE A 20 -4.33 -22.47 7.70
CA PHE A 20 -4.58 -21.82 6.37
C PHE A 20 -3.47 -21.90 5.29
N GLN A 21 -2.21 -21.82 5.72
CA GLN A 21 -1.05 -21.86 4.84
C GLN A 21 -1.02 -20.77 3.76
N SER A 22 -1.79 -19.69 3.91
CA SER A 22 -1.91 -18.64 2.88
C SER A 22 -1.22 -17.32 3.31
N ASN A 23 -0.25 -17.45 4.23
CA ASN A 23 0.54 -16.34 4.82
C ASN A 23 -0.27 -15.04 5.07
N ALA A 24 -1.44 -15.16 5.71
CA ALA A 24 -2.37 -14.02 5.93
C ALA A 24 -3.29 -14.26 7.15
N SER A 26 -6.27 -12.98 7.56
CA SER A 26 -7.68 -12.91 7.18
C SER A 26 -7.86 -13.17 5.70
N ILE A 27 -8.94 -13.86 5.38
CA ILE A 27 -9.25 -14.28 4.04
C ILE A 27 -10.64 -13.84 3.85
N GLU A 28 -10.89 -12.84 3.00
CA GLU A 28 -12.27 -12.40 2.83
C GLU A 28 -12.79 -12.04 1.46
N ILE A 29 -14.13 -12.06 1.39
CA ILE A 29 -14.89 -11.91 0.19
C ILE A 29 -15.76 -10.65 0.25
N ARG A 30 -15.62 -9.78 -0.74
CA ARG A 30 -16.47 -8.64 -0.87
C ARG A 30 -16.56 -8.34 -2.36
N LYS A 31 -17.47 -7.47 -2.74
CA LYS A 31 -17.64 -6.99 -4.12
C LYS A 31 -16.44 -6.26 -4.65
N LEU A 32 -16.06 -6.52 -5.89
CA LEU A 32 -14.99 -5.79 -6.45
C LEU A 32 -15.36 -4.29 -6.59
N SER A 33 -14.40 -3.40 -6.38
CA SER A 33 -14.64 -1.97 -6.55
C SER A 33 -13.76 -1.51 -7.69
N ILE A 34 -13.91 -0.27 -8.11
CA ILE A 34 -13.18 0.12 -9.29
C ILE A 34 -11.68 0.21 -9.03
N GLU A 35 -11.29 0.28 -7.75
CA GLU A 35 -9.86 0.27 -7.35
C GLU A 35 -9.16 -1.09 -7.49
N ASP A 36 -9.93 -2.18 -7.56
CA ASP A 36 -9.40 -3.51 -7.76
C ASP A 36 -9.07 -3.75 -9.23
N LEU A 37 -9.36 -2.79 -10.11
CA LEU A 37 -9.23 -3.04 -11.53
C LEU A 37 -7.93 -3.64 -12.01
N GLU A 38 -6.80 -3.06 -11.64
CA GLU A 38 -5.52 -3.50 -12.23
C GLU A 38 -5.12 -4.88 -11.72
N THR A 39 -5.28 -5.10 -10.39
CA THR A 39 -4.98 -6.43 -9.83
C THR A 39 -5.95 -7.47 -10.42
N LEU A 40 -7.16 -7.07 -10.72
CA LEU A 40 -8.12 -7.98 -11.29
C LEU A 40 -7.74 -8.35 -12.71
N ILE A 41 -7.21 -7.40 -13.46
CA ILE A 41 -6.80 -7.73 -14.79
C ILE A 41 -5.76 -8.86 -14.72
N GLU A 42 -4.78 -8.74 -13.84
CA GLU A 42 -3.71 -9.77 -13.76
C GLU A 42 -4.30 -11.08 -13.34
N VAL A 43 -5.10 -11.05 -12.31
CA VAL A 43 -5.69 -12.27 -11.87
C VAL A 43 -6.69 -12.86 -12.91
N ALA A 44 -7.41 -12.04 -13.68
CA ALA A 44 -8.34 -12.61 -14.74
C ALA A 44 -7.51 -13.20 -15.84
N ARG A 45 -6.48 -12.50 -16.26
CA ARG A 45 -5.65 -13.06 -17.30
C ARG A 45 -5.15 -14.51 -17.02
N GLU A 46 -4.80 -14.83 -15.77
CA GLU A 46 -4.40 -16.22 -15.39
C GLU A 46 -5.59 -17.20 -15.24
N SER A 47 -6.68 -16.73 -14.62
CA SER A 47 -7.89 -17.55 -14.54
C SER A 47 -8.08 -18.20 -15.98
N TRP A 48 -7.67 -17.46 -17.02
CA TRP A 48 -7.86 -17.96 -18.40
C TRP A 48 -6.76 -18.92 -18.93
N LYS A 49 -5.50 -18.56 -18.76
CA LYS A 49 -4.39 -19.45 -19.14
C LYS A 49 -4.53 -20.83 -18.45
N TRP A 50 -5.19 -20.91 -17.29
CA TRP A 50 -5.42 -22.16 -16.59
C TRP A 50 -6.66 -22.81 -17.12
N THR A 51 -7.76 -22.09 -17.20
CA THR A 51 -8.92 -22.74 -17.77
C THR A 51 -8.58 -23.37 -19.13
N TYR A 52 -7.55 -22.93 -19.86
CA TYR A 52 -7.32 -23.47 -21.21
C TYR A 52 -5.87 -23.84 -21.54
N ALA A 53 -5.01 -23.89 -20.54
CA ALA A 53 -3.57 -24.16 -20.82
C ALA A 53 -3.40 -25.47 -21.57
N GLY A 54 -4.28 -26.42 -21.30
CA GLY A 54 -4.20 -27.68 -22.06
C GLY A 54 -4.98 -27.75 -23.39
N ILE A 55 -5.40 -26.62 -23.96
CA ILE A 55 -6.26 -26.61 -25.15
C ILE A 55 -5.89 -25.63 -26.27
N TYR A 56 -5.83 -24.34 -25.98
CA TYR A 56 -5.45 -23.37 -27.01
C TYR A 56 -3.96 -23.25 -27.10
N SER A 57 -3.47 -22.61 -28.14
CA SER A 57 -2.06 -22.44 -28.32
C SER A 57 -1.57 -21.32 -27.44
N GLU A 58 -0.26 -21.21 -27.25
CA GLU A 58 0.33 -20.06 -26.53
C GLU A 58 -0.10 -18.78 -27.25
N GLU A 59 0.10 -18.79 -28.57
CA GLU A 59 -0.24 -17.64 -29.44
C GLU A 59 -1.66 -17.17 -29.17
N TYR A 60 -2.63 -18.08 -29.36
CA TYR A 60 -4.05 -17.73 -29.23
C TYR A 60 -4.43 -17.31 -27.83
N ILE A 61 -3.77 -17.86 -26.81
CA ILE A 61 -4.14 -17.50 -25.45
C ILE A 61 -3.71 -16.06 -25.19
N GLU A 62 -2.44 -15.76 -25.48
CA GLU A 62 -1.91 -14.40 -25.30
C GLU A 62 -2.75 -13.31 -25.99
N SER A 63 -3.38 -13.66 -27.12
CA SER A 63 -4.29 -12.76 -27.86
C SER A 63 -5.67 -12.60 -27.27
N TRP A 64 -6.39 -13.70 -27.14
CA TRP A 64 -7.76 -13.70 -26.59
C TRP A 64 -7.96 -12.95 -25.24
N ILE A 65 -6.94 -12.99 -24.39
CA ILE A 65 -6.99 -12.24 -23.12
C ILE A 65 -7.10 -10.72 -23.37
N ARG A 66 -6.37 -10.23 -24.38
CA ARG A 66 -6.46 -8.83 -24.78
C ARG A 66 -7.90 -8.40 -25.00
N GLU A 67 -8.62 -9.13 -25.84
CA GLU A 67 -10.02 -8.79 -26.12
C GLU A 67 -10.98 -9.02 -24.95
N LYS A 68 -10.80 -10.08 -24.19
CA LYS A 68 -11.78 -10.30 -23.11
C LYS A 68 -11.44 -9.62 -21.83
N TYR A 69 -10.16 -9.54 -21.49
CA TYR A 69 -9.85 -8.87 -20.24
C TYR A 69 -9.25 -7.50 -20.43
N SER A 70 -9.85 -6.72 -21.32
CA SER A 70 -9.45 -5.33 -21.50
C SER A 70 -9.92 -4.54 -20.27
N LYS A 71 -9.27 -3.41 -20.06
CA LYS A 71 -9.57 -2.53 -18.96
C LYS A 71 -11.05 -2.09 -19.06
N GLU A 72 -11.52 -1.78 -20.25
CA GLU A 72 -12.89 -1.32 -20.43
C GLU A 72 -13.97 -2.38 -20.14
N LYS A 73 -13.75 -3.62 -20.60
CA LYS A 73 -14.73 -4.65 -20.34
C LYS A 73 -14.76 -5.09 -18.89
N LEU A 74 -13.61 -5.21 -18.25
CA LEU A 74 -13.61 -5.53 -16.83
C LEU A 74 -14.23 -4.42 -15.98
N LEU A 75 -14.04 -3.15 -16.40
CA LEU A 75 -14.58 -1.96 -15.74
C LEU A 75 -16.07 -1.95 -15.95
N ASN A 76 -16.50 -2.17 -17.16
CA ASN A 76 -17.95 -2.32 -17.36
C ASN A 76 -18.59 -3.34 -16.36
N GLU A 77 -17.95 -4.45 -16.12
CA GLU A 77 -18.51 -5.53 -15.30
C GLU A 77 -18.49 -5.25 -13.80
N ILE A 78 -17.42 -4.60 -13.30
CA ILE A 78 -17.32 -4.20 -11.89
C ILE A 78 -18.36 -3.10 -11.56
N VAL A 79 -18.53 -2.15 -12.47
CA VAL A 79 -19.50 -1.09 -12.30
C VAL A 79 -20.93 -1.63 -12.26
N ARG A 80 -21.24 -2.49 -13.19
CA ARG A 80 -22.52 -3.13 -13.21
C ARG A 80 -22.82 -3.98 -11.97
N SER A 81 -21.80 -4.59 -11.38
CA SER A 81 -21.93 -5.36 -10.14
C SER A 81 -22.12 -4.34 -9.02
N GLN A 82 -21.37 -3.25 -9.08
CA GLN A 82 -21.46 -2.25 -8.03
C GLN A 82 -22.80 -1.50 -8.06
N SER A 83 -23.44 -1.41 -9.22
CA SER A 83 -24.69 -0.77 -9.36
C SER A 83 -25.89 -1.71 -9.18
N ASN A 84 -25.71 -2.92 -8.74
CA ASN A 84 -26.78 -3.92 -8.58
C ASN A 84 -27.59 -4.09 -9.83
N LEU A 85 -26.88 -4.32 -10.94
CA LEU A 85 -27.52 -4.54 -12.25
C LEU A 85 -27.29 -5.96 -12.73
N ASP A 86 -26.88 -6.19 -13.95
CA ASP A 86 -26.85 -7.56 -14.42
C ASP A 86 -25.62 -8.39 -14.16
N ILE A 87 -24.75 -7.99 -13.23
CA ILE A 87 -23.53 -8.71 -12.98
C ILE A 87 -23.26 -8.78 -11.51
N LEU A 88 -22.67 -9.86 -10.99
CA LEU A 88 -22.25 -9.91 -9.59
C LEU A 88 -20.80 -10.31 -9.62
N PHE A 89 -19.92 -9.55 -8.98
CA PHE A 89 -18.47 -9.73 -9.12
C PHE A 89 -17.83 -9.58 -7.77
N LEU A 90 -17.53 -10.72 -7.16
CA LEU A 90 -16.86 -10.74 -5.88
C LEU A 90 -15.39 -11.15 -5.97
N GLY A 91 -14.56 -10.57 -5.13
CA GLY A 91 -13.17 -10.94 -5.05
C GLY A 91 -12.92 -11.63 -3.73
N ALA A 92 -11.92 -12.49 -3.69
CA ALA A 92 -11.48 -13.14 -2.47
C ALA A 92 -10.11 -12.53 -2.22
N PHE A 93 -9.87 -12.01 -1.03
CA PHE A 93 -8.62 -11.36 -0.67
C PHE A 93 -7.93 -11.96 0.56
N ALA A 94 -6.63 -12.17 0.49
CA ALA A 94 -5.86 -12.56 1.63
C ALA A 94 -5.17 -11.32 2.10
N ASP A 95 -5.43 -10.93 3.33
CA ASP A 95 -4.94 -9.67 3.81
C ASP A 95 -4.76 -8.50 2.88
N SER A 96 -5.82 -8.14 2.19
CA SER A 96 -5.69 -7.09 1.20
C SER A 96 -5.16 -7.46 -0.17
N THR A 97 -4.84 -8.72 -0.38
CA THR A 97 -4.42 -9.17 -1.70
C THR A 97 -5.49 -9.98 -2.45
N LEU A 98 -5.80 -9.59 -3.67
CA LEU A 98 -6.76 -10.36 -4.43
C LEU A 98 -6.19 -11.68 -4.87
N ILE A 99 -6.86 -12.74 -4.46
CA ILE A 99 -6.40 -14.09 -4.76
C ILE A 99 -7.39 -14.93 -5.52
N GLY A 100 -8.63 -14.48 -5.61
CA GLY A 100 -9.60 -15.15 -6.44
C GLY A 100 -10.82 -14.29 -6.66
N PHE A 101 -11.72 -14.79 -7.52
CA PHE A 101 -12.98 -14.11 -7.81
C PHE A 101 -14.03 -15.03 -8.41
N ILE A 102 -15.24 -14.48 -8.52
CA ILE A 102 -16.37 -15.19 -9.09
C ILE A 102 -17.23 -14.15 -9.71
N GLU A 103 -17.67 -14.42 -10.94
CA GLU A 103 -18.45 -13.48 -11.71
C GLU A 103 -19.63 -14.22 -12.25
N LEU A 104 -20.80 -13.59 -12.13
CA LEU A 104 -22.03 -14.13 -12.58
C LEU A 104 -22.88 -13.09 -13.36
N LYS A 105 -23.63 -13.53 -14.38
CA LYS A 105 -24.60 -12.68 -15.09
C LYS A 105 -25.94 -13.02 -14.61
N ILE A 106 -26.73 -12.00 -14.37
CA ILE A 106 -28.07 -12.13 -13.80
C ILE A 106 -29.03 -11.49 -14.76
N ILE A 107 -29.85 -12.31 -15.41
CA ILE A 107 -30.90 -11.84 -16.36
C ILE A 107 -32.23 -12.26 -15.76
N ALA A 108 -33.04 -11.26 -15.33
CA ALA A 108 -34.32 -11.66 -14.68
C ALA A 108 -34.05 -12.50 -13.44
N ASN A 109 -34.73 -13.64 -13.32
CA ASN A 109 -34.56 -14.56 -12.18
C ASN A 109 -33.60 -15.71 -12.42
N LYS A 110 -32.76 -15.57 -13.48
CA LYS A 110 -31.78 -16.64 -13.67
C LYS A 110 -30.36 -16.08 -13.57
N ALA A 111 -29.39 -16.96 -13.32
CA ALA A 111 -27.97 -16.55 -13.31
C ALA A 111 -27.04 -17.50 -14.09
N GLU A 112 -25.96 -16.95 -14.58
CA GLU A 112 -25.05 -17.74 -15.27
C GLU A 112 -23.75 -17.50 -14.60
N LEU A 113 -23.07 -18.56 -14.21
CA LEU A 113 -21.79 -18.45 -13.56
C LEU A 113 -20.77 -18.47 -14.69
N LEU A 114 -20.22 -17.29 -14.96
CA LEU A 114 -19.27 -17.02 -16.05
C LEU A 114 -17.86 -17.44 -15.72
N ARG A 115 -17.44 -17.21 -14.48
CA ARG A 115 -16.13 -17.65 -14.06
C ARG A 115 -15.92 -17.68 -12.59
N LEU A 116 -15.13 -18.65 -12.18
CA LEU A 116 -14.76 -18.83 -10.80
C LEU A 116 -13.29 -19.20 -10.80
N TYR A 117 -12.49 -18.46 -10.02
CA TYR A 117 -11.08 -18.73 -9.98
C TYR A 117 -10.35 -18.39 -8.69
N LEU A 118 -9.45 -19.30 -8.32
CA LEU A 118 -8.50 -19.08 -7.25
C LEU A 118 -7.10 -19.25 -7.77
N LYS A 119 -6.16 -18.40 -7.36
CA LYS A 119 -4.76 -18.63 -7.69
C LYS A 119 -4.33 -20.02 -7.11
N PRO A 120 -3.54 -20.80 -7.88
CA PRO A 120 -3.04 -22.09 -7.45
C PRO A 120 -2.61 -22.07 -5.99
N GLU A 121 -1.76 -21.10 -5.61
CA GLU A 121 -1.16 -21.04 -4.26
C GLU A 121 -2.18 -20.99 -3.15
N TYR A 122 -3.41 -20.58 -3.50
CA TYR A 122 -4.53 -20.47 -2.54
C TYR A 122 -5.69 -21.37 -2.90
N THR A 123 -5.47 -22.44 -3.66
CA THR A 123 -6.56 -23.30 -4.13
C THR A 123 -7.11 -24.30 -3.10
N HIS A 124 -7.64 -23.73 -2.02
CA HIS A 124 -8.28 -24.50 -0.94
C HIS A 124 -9.79 -24.41 -1.22
N LYS A 125 -10.39 -25.58 -1.43
CA LYS A 125 -11.81 -25.75 -1.72
C LYS A 125 -12.75 -25.01 -0.77
N LYS A 126 -12.28 -24.61 0.43
CA LYS A 126 -13.08 -23.77 1.36
C LYS A 126 -13.18 -22.30 0.89
N ILE A 127 -12.15 -21.82 0.20
CA ILE A 127 -12.22 -20.45 -0.25
C ILE A 127 -13.18 -20.38 -1.45
N GLY A 128 -12.98 -21.26 -2.45
CA GLY A 128 -13.86 -21.38 -3.67
C GLY A 128 -15.33 -21.53 -3.27
N LYS A 129 -15.53 -22.34 -2.26
CA LYS A 129 -16.82 -22.57 -1.67
C LYS A 129 -17.29 -21.28 -1.01
N THR A 130 -16.41 -20.50 -0.37
CA THR A 130 -16.85 -19.24 0.30
C THR A 130 -17.32 -18.23 -0.74
N LEU A 131 -16.54 -18.09 -1.81
CA LEU A 131 -16.91 -17.25 -2.93
C LEU A 131 -18.31 -17.66 -3.50
N LEU A 132 -18.48 -18.92 -3.89
CA LEU A 132 -19.76 -19.44 -4.39
C LEU A 132 -20.87 -19.25 -3.34
N LEU A 133 -20.56 -19.48 -2.06
CA LEU A 133 -21.54 -19.35 -1.03
C LEU A 133 -22.03 -17.92 -0.83
N GLU A 134 -21.12 -16.95 -0.83
CA GLU A 134 -21.53 -15.53 -0.69
C GLU A 134 -22.27 -15.08 -1.97
N ALA A 135 -21.88 -15.64 -3.11
CA ALA A 135 -22.54 -15.34 -4.35
C ALA A 135 -24.04 -15.81 -4.24
N GLU A 136 -24.31 -16.94 -3.63
CA GLU A 136 -25.73 -17.39 -3.52
C GLU A 136 -26.58 -16.60 -2.51
N LYS A 137 -25.97 -16.20 -1.39
CA LYS A 137 -26.62 -15.39 -0.40
C LYS A 137 -27.11 -14.13 -1.06
N ILE A 138 -26.27 -13.50 -1.88
CA ILE A 138 -26.68 -12.29 -2.59
C ILE A 138 -27.77 -12.54 -3.65
N LYS A 140 -30.11 -15.05 -3.53
CA LYS A 140 -31.36 -15.36 -2.83
C LYS A 140 -32.18 -14.07 -2.66
N LYS A 141 -31.52 -13.08 -2.05
CA LYS A 141 -32.09 -11.76 -1.76
C LYS A 141 -32.56 -11.10 -3.05
N LYS A 142 -31.79 -11.21 -4.13
CA LYS A 142 -32.27 -10.67 -5.39
C LYS A 142 -33.40 -11.52 -5.98
N GLY A 143 -33.52 -12.78 -5.55
CA GLY A 143 -34.57 -13.67 -6.07
C GLY A 143 -34.15 -14.62 -7.20
N ILE A 144 -32.86 -14.73 -7.52
CA ILE A 144 -32.47 -15.65 -8.58
C ILE A 144 -32.82 -17.08 -8.15
N LEU A 145 -33.56 -17.76 -8.99
CA LEU A 145 -34.02 -19.10 -8.65
C LEU A 145 -33.25 -20.23 -9.31
N GLU A 146 -32.35 -19.90 -10.24
CA GLU A 146 -31.70 -20.89 -11.05
C GLU A 146 -30.31 -20.38 -11.46
N CYS A 147 -29.31 -21.26 -11.47
CA CYS A 147 -27.95 -20.85 -11.90
C CYS A 147 -27.35 -21.90 -12.85
N ARG A 148 -26.90 -21.48 -14.04
CA ARG A 148 -26.27 -22.39 -14.96
C ARG A 148 -24.77 -22.13 -15.06
N LEU A 149 -24.01 -23.11 -15.53
CA LEU A 149 -22.61 -22.94 -15.71
C LEU A 149 -22.11 -23.89 -16.76
N TYR A 150 -20.98 -23.55 -17.34
CA TYR A 150 -20.38 -24.32 -18.41
C TYR A 150 -19.09 -24.79 -17.90
N VAL A 151 -18.74 -26.04 -18.11
CA VAL A 151 -17.48 -26.59 -17.62
C VAL A 151 -16.89 -27.51 -18.67
N HIS A 152 -15.64 -27.22 -19.09
CA HIS A 152 -14.96 -28.04 -20.07
C HIS A 152 -14.81 -29.42 -19.48
N ARG A 153 -15.02 -30.42 -20.33
CA ARG A 153 -15.03 -31.84 -19.96
C ARG A 153 -13.77 -32.44 -19.29
N GLN A 154 -12.61 -31.90 -19.66
CA GLN A 154 -11.35 -32.33 -19.07
C GLN A 154 -11.16 -31.73 -17.69
N ASN A 155 -11.78 -30.57 -17.46
CA ASN A 155 -11.69 -29.89 -16.18
C ASN A 155 -12.37 -30.68 -15.07
N SER A 156 -11.72 -31.76 -14.63
CA SER A 156 -12.24 -32.59 -13.62
C SER A 156 -12.26 -31.94 -12.26
N VAL A 157 -11.34 -31.03 -11.95
CA VAL A 157 -11.34 -30.39 -10.63
C VAL A 157 -12.58 -29.53 -10.48
N GLY A 158 -12.91 -28.82 -11.53
CA GLY A 158 -14.09 -27.93 -11.53
C GLY A 158 -15.34 -28.75 -11.44
N PHE A 159 -15.43 -29.71 -12.36
CA PHE A 159 -16.56 -30.64 -12.41
C PHE A 159 -16.83 -31.22 -11.03
N SER A 160 -15.79 -31.76 -10.39
CA SER A 160 -15.91 -32.31 -9.03
C SER A 160 -16.38 -31.27 -8.05
N PHE A 161 -15.70 -30.14 -7.98
CA PHE A 161 -16.13 -29.01 -7.12
C PHE A 161 -17.57 -28.66 -7.37
N TYR A 162 -17.96 -28.56 -8.63
CA TYR A 162 -19.34 -28.21 -8.93
C TYR A 162 -20.37 -29.18 -8.43
N TYR A 163 -20.27 -30.49 -8.70
CA TYR A 163 -21.26 -31.46 -8.17
C TYR A 163 -21.37 -31.50 -6.64
N LYS A 164 -20.22 -31.33 -5.99
CA LYS A 164 -20.18 -31.36 -4.55
C LYS A 164 -20.91 -30.19 -3.97
N ASN A 165 -21.02 -29.09 -4.72
CA ASN A 165 -21.77 -27.93 -4.27
C ASN A 165 -23.20 -27.79 -4.88
N GLY A 166 -23.70 -28.86 -5.52
CA GLY A 166 -25.12 -28.92 -5.96
C GLY A 166 -25.50 -28.85 -7.42
N PHE A 167 -24.57 -28.71 -8.33
CA PHE A 167 -24.91 -28.65 -9.74
C PHE A 167 -25.00 -30.03 -10.41
N LYS A 168 -25.89 -30.19 -11.38
CA LYS A 168 -25.97 -31.49 -12.06
C LYS A 168 -25.73 -31.23 -13.52
N VAL A 169 -25.39 -32.26 -14.29
CA VAL A 169 -25.22 -32.12 -15.70
C VAL A 169 -26.59 -32.03 -16.37
N GLU A 170 -26.81 -31.03 -17.21
CA GLU A 170 -28.11 -30.86 -17.88
C GLU A 170 -27.98 -31.21 -19.34
N ASP A 171 -26.79 -30.99 -19.88
CA ASP A 171 -26.51 -31.26 -21.25
C ASP A 171 -25.05 -31.14 -21.52
N THR A 172 -24.69 -31.42 -22.76
CA THR A 172 -23.38 -31.12 -23.29
C THR A 172 -23.48 -30.06 -24.42
N ASP A 173 -22.49 -29.17 -24.50
CA ASP A 173 -22.41 -28.20 -25.61
C ASP A 173 -21.10 -28.48 -26.39
N GLY A 174 -21.01 -29.70 -26.91
CA GLY A 174 -19.84 -30.17 -27.63
C GLY A 174 -18.81 -30.43 -26.56
N SER A 175 -17.89 -29.47 -26.42
CA SER A 175 -16.76 -29.52 -25.43
C SER A 175 -17.08 -29.15 -23.98
N ASP A 176 -18.35 -28.88 -23.67
CA ASP A 176 -18.68 -28.51 -22.31
C ASP A 176 -19.96 -29.16 -21.74
N PHE A 177 -19.87 -29.42 -20.46
CA PHE A 177 -21.02 -29.79 -19.77
C PHE A 177 -21.74 -28.51 -19.44
N ILE A 178 -23.03 -28.44 -19.73
CA ILE A 178 -23.85 -27.35 -19.18
C ILE A 178 -24.22 -27.99 -17.83
N GLU A 180 -26.29 -27.36 -13.95
CA GLU A 180 -27.31 -26.51 -13.33
C GLU A 180 -27.58 -26.79 -11.84
N LYS A 181 -28.16 -25.80 -11.18
CA LYS A 181 -28.55 -25.85 -9.77
C LYS A 181 -29.74 -24.92 -9.60
N LYS A 182 -30.87 -25.40 -9.07
CA LYS A 182 -32.05 -24.54 -8.77
C LYS A 182 -31.99 -24.11 -7.29
N TYR A 183 -32.68 -23.02 -6.94
CA TYR A 183 -32.80 -22.59 -5.52
C TYR A 183 -34.28 -22.38 -5.23
N ILE B 27 6.37 -17.89 36.31
CA ILE B 27 5.51 -18.68 35.37
C ILE B 27 4.19 -17.97 34.96
N GLU B 28 4.24 -16.92 34.14
CA GLU B 28 3.03 -16.14 33.80
C GLU B 28 2.46 -16.16 32.35
N ILE B 29 1.15 -15.94 32.27
CA ILE B 29 0.41 -15.95 31.04
C ILE B 29 -0.15 -14.55 30.80
N ARG B 30 0.14 -13.98 29.62
CA ARG B 30 -0.30 -12.66 29.27
C ARG B 30 -0.12 -12.44 27.77
N LYS B 31 -0.74 -11.39 27.23
CA LYS B 31 -0.65 -11.12 25.80
C LYS B 31 0.73 -10.67 25.31
N LEU B 32 1.19 -11.19 24.20
CA LEU B 32 2.45 -10.71 23.63
C LEU B 32 2.34 -9.21 23.36
N SER B 33 3.46 -8.50 23.33
CA SER B 33 3.49 -7.07 23.11
C SER B 33 4.58 -6.76 22.09
N ILE B 34 4.63 -5.55 21.53
CA ILE B 34 5.65 -5.29 20.50
C ILE B 34 7.04 -5.65 20.95
N GLU B 35 7.31 -5.42 22.22
CA GLU B 35 8.59 -5.73 22.84
C GLU B 35 9.07 -7.19 22.59
N ASP B 36 8.13 -8.14 22.49
CA ASP B 36 8.41 -9.60 22.41
C ASP B 36 8.61 -10.12 21.02
N LEU B 37 8.60 -9.22 20.04
CA LEU B 37 8.73 -9.57 18.64
C LEU B 37 9.94 -10.38 18.40
N GLU B 38 11.13 -9.84 18.66
CA GLU B 38 12.38 -10.57 18.35
C GLU B 38 12.48 -11.92 19.07
N THR B 39 12.13 -11.91 20.34
N THR B 39 12.14 -11.95 20.34
CA THR B 39 12.10 -13.08 21.16
CA THR B 39 12.20 -13.17 21.07
C THR B 39 11.15 -14.12 20.53
C THR B 39 11.17 -14.16 20.46
N LEU B 40 9.98 -13.66 20.11
CA LEU B 40 9.01 -14.54 19.49
C LEU B 40 9.62 -15.16 18.22
N ILE B 41 10.26 -14.34 17.38
CA ILE B 41 10.83 -14.87 16.15
C ILE B 41 11.90 -15.90 16.45
N GLU B 42 12.65 -15.72 17.54
CA GLU B 42 13.68 -16.73 17.92
C GLU B 42 13.11 -18.07 18.37
N VAL B 43 12.06 -17.99 19.17
CA VAL B 43 11.41 -19.17 19.64
C VAL B 43 10.81 -19.91 18.41
N ALA B 44 10.32 -19.16 17.41
CA ALA B 44 9.81 -19.82 16.19
C ALA B 44 10.99 -20.43 15.45
N ARG B 45 12.08 -19.69 15.34
CA ARG B 45 13.29 -20.26 14.69
C ARG B 45 13.74 -21.56 15.40
N GLU B 46 13.81 -21.52 16.71
CA GLU B 46 14.23 -22.64 17.51
C GLU B 46 13.31 -23.85 17.39
N SER B 47 11.99 -23.70 17.42
CA SER B 47 11.15 -24.88 17.24
C SER B 47 11.29 -25.51 15.85
N TRP B 48 11.42 -24.72 14.81
CA TRP B 48 11.63 -25.28 13.49
C TRP B 48 13.00 -25.94 13.40
N LYS B 49 14.06 -25.36 13.96
CA LYS B 49 15.37 -26.03 13.88
C LYS B 49 15.36 -27.35 14.67
N TRP B 50 14.59 -27.36 15.75
CA TRP B 50 14.51 -28.53 16.60
C TRP B 50 13.87 -29.70 15.86
N THR B 51 12.68 -29.48 15.32
CA THR B 51 11.90 -30.46 14.57
C THR B 51 12.49 -30.87 13.19
N TYR B 52 13.38 -30.09 12.61
CA TYR B 52 13.90 -30.44 11.30
C TYR B 52 15.41 -30.27 11.21
N ALA B 53 16.08 -30.46 12.33
CA ALA B 53 17.52 -30.27 12.52
C ALA B 53 18.55 -30.69 11.50
N GLY B 54 18.56 -31.97 11.20
CA GLY B 54 19.44 -32.56 10.16
C GLY B 54 18.67 -33.07 8.95
N ILE B 55 17.48 -32.55 8.75
CA ILE B 55 16.62 -32.94 7.65
C ILE B 55 16.60 -31.85 6.55
N TYR B 56 16.10 -30.68 6.89
CA TYR B 56 16.10 -29.58 5.95
C TYR B 56 17.46 -28.90 6.00
N SER B 57 17.82 -28.20 4.92
CA SER B 57 19.05 -27.43 4.94
C SER B 57 18.84 -26.21 5.81
N GLU B 58 19.95 -25.69 6.29
CA GLU B 58 19.95 -24.49 7.11
C GLU B 58 19.39 -23.35 6.31
N GLU B 59 19.74 -23.29 5.02
CA GLU B 59 19.21 -22.25 4.14
C GLU B 59 17.72 -22.37 4.01
N TYR B 60 17.24 -23.61 3.86
CA TYR B 60 15.78 -23.82 3.69
C TYR B 60 15.06 -23.41 4.94
N ILE B 61 15.65 -23.68 6.11
CA ILE B 61 14.97 -23.31 7.36
C ILE B 61 14.82 -21.81 7.52
N GLU B 62 15.92 -21.06 7.38
CA GLU B 62 15.86 -19.60 7.53
C GLU B 62 14.96 -19.00 6.48
N SER B 63 14.96 -19.61 5.31
CA SER B 63 14.08 -19.14 4.27
C SER B 63 12.64 -19.35 4.68
N TRP B 64 12.38 -20.43 5.36
CA TRP B 64 11.02 -20.66 5.88
C TRP B 64 10.60 -19.72 7.04
N ILE B 65 11.54 -19.37 7.91
CA ILE B 65 11.23 -18.40 9.00
C ILE B 65 10.94 -17.03 8.46
N ARG B 66 11.80 -16.53 7.58
CA ARG B 66 11.57 -15.28 6.89
C ARG B 66 10.21 -15.25 6.24
N GLU B 67 9.85 -16.32 5.57
CA GLU B 67 8.53 -16.46 4.97
C GLU B 67 7.36 -16.46 5.98
N LYS B 68 7.33 -17.36 6.98
CA LYS B 68 6.16 -17.46 7.94
C LYS B 68 6.24 -16.68 9.21
N TYR B 69 7.37 -16.14 9.55
CA TYR B 69 7.45 -15.35 10.75
C TYR B 69 8.07 -14.00 10.46
N SER B 70 7.55 -13.31 9.49
CA SER B 70 8.09 -12.02 9.19
C SER B 70 7.61 -11.02 10.23
N LYS B 71 8.44 -10.02 10.43
CA LYS B 71 8.06 -8.95 11.35
C LYS B 71 6.68 -8.41 10.96
N GLU B 72 6.45 -8.21 9.65
CA GLU B 72 5.19 -7.64 9.21
C GLU B 72 4.00 -8.42 9.70
N LYS B 73 4.00 -9.71 9.49
CA LYS B 73 2.84 -10.54 9.87
C LYS B 73 2.74 -10.71 11.40
N LEU B 74 3.84 -10.96 12.07
CA LEU B 74 3.78 -11.08 13.53
C LEU B 74 3.32 -9.78 14.17
N LEU B 75 3.87 -8.65 13.75
CA LEU B 75 3.38 -7.38 14.33
C LEU B 75 1.87 -7.16 14.11
N ASN B 76 1.44 -7.37 12.88
CA ASN B 76 0.01 -7.27 12.64
C ASN B 76 -0.78 -8.16 13.64
N GLU B 77 -0.31 -9.35 13.95
CA GLU B 77 -1.02 -10.24 14.90
C GLU B 77 -0.91 -9.84 16.37
N ILE B 78 0.26 -9.44 16.82
CA ILE B 78 0.45 -8.93 18.18
C ILE B 78 -0.49 -7.74 18.44
N VAL B 79 -0.43 -6.77 17.54
CA VAL B 79 -1.26 -5.56 17.60
C VAL B 79 -2.84 -5.83 17.59
N ARG B 80 -3.34 -6.69 16.72
CA ARG B 80 -4.78 -7.05 16.76
C ARG B 80 -5.22 -7.73 18.08
N SER B 81 -4.34 -8.56 18.63
CA SER B 81 -4.59 -9.18 19.91
C SER B 81 -4.53 -8.12 21.01
N GLN B 82 -3.50 -7.30 21.07
CA GLN B 82 -3.46 -6.16 22.00
C GLN B 82 -4.71 -5.26 21.97
N SER B 83 -5.40 -5.14 20.83
CA SER B 83 -6.60 -4.33 20.77
C SER B 83 -7.87 -5.12 20.95
N ASN B 84 -7.77 -6.37 21.40
CA ASN B 84 -8.95 -7.25 21.51
C ASN B 84 -9.76 -7.43 20.21
N LEU B 85 -9.09 -7.53 19.06
CA LEU B 85 -9.78 -7.68 17.78
C LEU B 85 -9.88 -9.17 17.42
N ASP B 86 -9.58 -9.50 16.17
CA ASP B 86 -9.77 -10.83 15.63
C ASP B 86 -8.62 -11.82 15.86
N ILE B 87 -7.68 -11.52 16.74
CA ILE B 87 -6.60 -12.46 17.01
C ILE B 87 -6.43 -12.42 18.52
N LEU B 88 -6.14 -13.56 19.17
CA LEU B 88 -5.82 -13.65 20.61
C LEU B 88 -4.49 -14.33 20.60
N PHE B 89 -3.45 -13.70 21.17
CA PHE B 89 -2.05 -14.19 21.09
C PHE B 89 -1.49 -14.06 22.52
N LEU B 90 -1.46 -15.18 23.25
CA LEU B 90 -1.03 -15.21 24.62
C LEU B 90 0.30 -15.93 24.67
N GLY B 91 1.21 -15.41 25.47
CA GLY B 91 2.52 -16.02 25.71
C GLY B 91 2.60 -16.66 27.10
N ALA B 92 3.52 -17.64 27.26
CA ALA B 92 3.83 -18.23 28.54
C ALA B 92 5.25 -17.82 28.93
N PHE B 93 5.36 -17.12 30.04
CA PHE B 93 6.64 -16.57 30.54
C PHE B 93 7.20 -17.23 31.83
N ALA B 94 8.49 -17.59 31.78
CA ALA B 94 9.19 -18.20 32.90
C ALA B 94 10.43 -17.36 33.14
N ASP B 95 10.45 -16.61 34.25
CA ASP B 95 11.55 -15.67 34.59
C ASP B 95 11.77 -14.75 33.40
N SER B 96 10.66 -14.25 32.85
CA SER B 96 10.65 -13.37 31.66
C SER B 96 11.18 -14.01 30.35
N THR B 97 11.14 -15.33 30.25
CA THR B 97 11.53 -16.04 29.04
C THR B 97 10.27 -16.63 28.43
N LEU B 98 10.07 -16.33 27.14
CA LEU B 98 8.97 -16.92 26.41
C LEU B 98 9.38 -18.38 26.23
N ILE B 99 8.46 -19.25 26.61
CA ILE B 99 8.66 -20.67 26.57
C ILE B 99 7.45 -21.33 25.89
N GLY B 100 6.47 -20.51 25.52
CA GLY B 100 5.28 -21.02 24.87
C GLY B 100 4.28 -19.94 24.53
N PHE B 101 3.36 -20.28 23.64
CA PHE B 101 2.27 -19.42 23.27
C PHE B 101 1.13 -20.14 22.58
N ILE B 102 -0.02 -19.49 22.64
CA ILE B 102 -1.19 -19.93 21.99
C ILE B 102 -1.62 -18.74 21.13
N GLU B 103 -2.20 -19.02 19.98
CA GLU B 103 -2.62 -17.98 19.11
C GLU B 103 -3.89 -18.38 18.43
N LEU B 104 -4.93 -17.56 18.56
CA LEU B 104 -6.19 -17.85 17.93
C LEU B 104 -6.77 -16.72 17.06
N LYS B 105 -7.62 -17.15 16.13
CA LYS B 105 -8.32 -16.30 15.21
C LYS B 105 -9.78 -16.34 15.61
N ILE B 106 -10.39 -15.17 15.79
CA ILE B 106 -11.75 -15.03 16.26
C ILE B 106 -12.59 -14.35 15.18
N ILE B 107 -13.73 -14.95 14.87
CA ILE B 107 -14.69 -14.40 13.91
C ILE B 107 -16.09 -14.45 14.55
N ALA B 108 -16.60 -13.28 14.93
CA ALA B 108 -17.89 -13.16 15.59
C ALA B 108 -17.92 -14.13 16.75
N ASN B 109 -18.90 -15.06 16.71
CA ASN B 109 -19.15 -16.09 17.73
C ASN B 109 -18.18 -17.29 17.74
N LYS B 110 -17.26 -17.36 16.79
CA LYS B 110 -16.38 -18.54 16.64
C LYS B 110 -14.90 -18.23 16.80
N ALA B 111 -14.12 -19.30 16.97
CA ALA B 111 -12.66 -19.24 17.14
C ALA B 111 -11.99 -20.45 16.50
N GLU B 112 -10.78 -20.23 15.96
CA GLU B 112 -9.93 -21.24 15.29
C GLU B 112 -8.53 -21.22 15.85
N LEU B 113 -8.05 -22.37 16.32
CA LEU B 113 -6.73 -22.36 16.99
C LEU B 113 -5.65 -22.45 15.97
N LEU B 114 -4.85 -21.41 15.85
CA LEU B 114 -3.80 -21.45 14.84
C LEU B 114 -2.64 -22.26 15.37
N ARG B 115 -2.04 -21.77 16.46
CA ARG B 115 -0.91 -22.41 17.13
C ARG B 115 -1.01 -22.49 18.65
N LEU B 116 -0.35 -23.49 19.22
CA LEU B 116 -0.25 -23.72 20.65
C LEU B 116 1.06 -24.42 20.85
N TYR B 117 2.15 -23.67 20.61
CA TYR B 117 3.49 -24.17 20.80
C TYR B 117 3.99 -24.16 22.27
N LEU B 118 4.68 -25.21 22.66
CA LEU B 118 5.21 -25.29 23.99
C LEU B 118 6.62 -25.80 23.86
N LYS B 119 7.61 -25.15 24.47
CA LYS B 119 9.00 -25.69 24.45
C LYS B 119 8.98 -27.10 25.05
N PRO B 120 9.60 -28.08 24.35
CA PRO B 120 9.59 -29.51 24.64
C PRO B 120 9.78 -29.92 26.11
N GLU B 121 10.64 -29.19 26.84
CA GLU B 121 10.87 -29.42 28.26
C GLU B 121 9.55 -29.42 29.02
N TYR B 122 8.67 -28.50 28.66
CA TYR B 122 7.44 -28.26 29.41
C TYR B 122 6.17 -29.01 28.95
N THR B 123 6.34 -29.99 28.06
CA THR B 123 5.20 -30.74 27.50
C THR B 123 4.43 -31.60 28.52
N HIS B 124 5.15 -32.17 29.49
CA HIS B 124 4.57 -33.01 30.55
C HIS B 124 3.85 -32.21 31.64
N LYS B 125 4.14 -30.90 31.71
CA LYS B 125 3.50 -29.98 32.66
C LYS B 125 2.08 -29.62 32.19
N LYS B 126 1.40 -28.74 32.90
CA LYS B 126 0.03 -28.36 32.55
C LYS B 126 0.01 -27.04 31.79
N ILE B 127 1.17 -26.57 31.36
CA ILE B 127 1.31 -25.23 30.76
C ILE B 127 0.49 -25.11 29.47
N GLY B 128 0.52 -26.17 28.65
CA GLY B 128 -0.24 -26.23 27.42
C GLY B 128 -1.71 -26.14 27.80
N LYS B 129 -2.09 -26.83 28.87
CA LYS B 129 -3.46 -26.82 29.35
C LYS B 129 -3.78 -25.44 29.96
N THR B 130 -2.76 -24.84 30.56
CA THR B 130 -2.90 -23.50 31.14
C THR B 130 -3.10 -22.44 30.02
N LEU B 131 -2.31 -22.52 28.96
CA LEU B 131 -2.50 -21.54 27.90
C LEU B 131 -3.89 -21.67 27.33
N LEU B 132 -4.36 -22.91 27.19
CA LEU B 132 -5.67 -23.12 26.57
C LEU B 132 -6.76 -22.61 27.44
N LEU B 133 -6.58 -22.76 28.75
CA LEU B 133 -7.64 -22.43 29.72
C LEU B 133 -7.78 -20.91 29.75
N GLU B 134 -6.66 -20.23 29.80
CA GLU B 134 -6.71 -18.79 29.79
C GLU B 134 -7.31 -18.29 28.49
N ALA B 135 -6.97 -18.92 27.36
CA ALA B 135 -7.58 -18.53 26.09
C ALA B 135 -9.11 -18.64 26.22
N GLU B 136 -9.58 -19.70 26.88
CA GLU B 136 -11.02 -19.90 27.06
C GLU B 136 -11.62 -18.79 27.95
N LYS B 137 -10.94 -18.47 29.05
CA LYS B 137 -11.37 -17.38 29.94
C LYS B 137 -11.77 -16.19 29.07
N ILE B 138 -10.80 -15.72 28.28
CA ILE B 138 -10.98 -14.55 27.45
C ILE B 138 -12.10 -14.70 26.40
N LYS B 140 -14.81 -17.04 26.36
CA LYS B 140 -16.13 -17.27 26.95
C LYS B 140 -16.65 -15.86 27.19
N LYS B 141 -15.85 -15.07 27.92
CA LYS B 141 -16.16 -13.68 28.24
C LYS B 141 -16.51 -12.95 26.96
N LYS B 142 -15.58 -12.91 26.03
CA LYS B 142 -15.80 -12.22 24.76
C LYS B 142 -17.08 -12.70 24.06
N GLY B 143 -17.57 -13.88 24.44
CA GLY B 143 -18.82 -14.42 23.89
C GLY B 143 -18.68 -15.48 22.80
N ILE B 144 -17.50 -16.08 22.66
CA ILE B 144 -17.27 -17.14 21.66
C ILE B 144 -18.01 -18.41 22.03
N LEU B 145 -18.88 -18.87 21.14
CA LEU B 145 -19.79 -20.07 21.36
C LEU B 145 -19.16 -21.43 21.02
N GLU B 146 -17.97 -21.42 20.40
CA GLU B 146 -17.35 -22.63 19.87
C GLU B 146 -15.92 -22.42 19.40
N CYS B 147 -15.09 -23.46 19.45
CA CYS B 147 -13.70 -23.34 18.98
C CYS B 147 -13.29 -24.49 18.07
N ARG B 148 -12.66 -24.20 16.91
CA ARG B 148 -12.19 -25.25 15.98
C ARG B 148 -10.72 -25.21 15.72
N LEU B 149 -10.17 -26.28 15.17
CA LEU B 149 -8.73 -26.38 14.88
C LEU B 149 -8.47 -27.68 14.16
N TYR B 150 -7.43 -27.68 13.34
CA TYR B 150 -7.11 -28.83 12.52
C TYR B 150 -5.91 -29.46 13.17
N VAL B 151 -5.86 -30.79 13.10
CA VAL B 151 -4.75 -31.58 13.65
C VAL B 151 -4.49 -32.70 12.70
N HIS B 152 -3.20 -32.86 12.38
CA HIS B 152 -2.79 -33.95 11.50
C HIS B 152 -3.12 -35.31 12.12
N ARG B 153 -3.47 -36.27 11.26
CA ARG B 153 -3.83 -37.64 11.71
C ARG B 153 -2.67 -38.38 12.41
N GLN B 154 -1.44 -37.98 12.12
CA GLN B 154 -0.25 -38.63 12.70
C GLN B 154 0.29 -37.91 13.92
N ASN B 155 -0.40 -36.86 14.36
CA ASN B 155 0.02 -36.19 15.56
C ASN B 155 -0.70 -36.78 16.77
N SER B 156 -0.22 -37.93 17.20
CA SER B 156 -0.75 -38.54 18.37
C SER B 156 -0.95 -37.54 19.50
N VAL B 157 0.13 -36.89 19.87
CA VAL B 157 0.14 -36.05 21.05
C VAL B 157 -0.96 -35.01 21.02
N GLY B 158 -1.01 -34.28 19.91
CA GLY B 158 -1.97 -33.22 19.74
C GLY B 158 -3.36 -33.77 19.82
N PHE B 159 -3.60 -34.81 19.03
CA PHE B 159 -4.89 -35.46 19.05
C PHE B 159 -5.26 -35.79 20.49
N SER B 160 -4.32 -36.43 21.17
CA SER B 160 -4.51 -36.84 22.55
C SER B 160 -4.73 -35.65 23.46
N PHE B 161 -3.96 -34.60 23.23
CA PHE B 161 -4.04 -33.39 24.03
C PHE B 161 -5.37 -32.66 23.94
N TYR B 162 -5.85 -32.47 22.70
CA TYR B 162 -7.13 -31.78 22.43
C TYR B 162 -8.29 -32.74 22.75
N TYR B 163 -8.07 -34.05 22.56
CA TYR B 163 -9.03 -35.09 22.93
C TYR B 163 -9.31 -35.04 24.43
N LYS B 164 -8.25 -35.02 25.24
CA LYS B 164 -8.39 -34.97 26.70
C LYS B 164 -8.83 -33.59 27.22
N ASN B 165 -8.87 -32.60 26.34
CA ASN B 165 -9.36 -31.26 26.69
C ASN B 165 -10.76 -30.94 26.09
N GLY B 166 -11.48 -31.97 25.67
CA GLY B 166 -12.84 -31.81 25.13
C GLY B 166 -13.03 -31.66 23.62
N PHE B 167 -11.99 -31.85 22.83
CA PHE B 167 -12.16 -31.73 21.37
C PHE B 167 -12.61 -33.03 20.71
N LYS B 168 -13.77 -32.97 20.05
CA LYS B 168 -14.37 -34.11 19.33
C LYS B 168 -14.15 -33.95 17.82
N VAL B 169 -13.78 -35.05 17.15
CA VAL B 169 -13.59 -35.05 15.70
C VAL B 169 -14.96 -34.89 15.00
N GLU B 170 -15.17 -33.76 14.31
CA GLU B 170 -16.45 -33.55 13.63
C GLU B 170 -16.38 -33.87 12.13
N ASP B 171 -15.19 -33.71 11.54
CA ASP B 171 -14.90 -34.15 10.16
C ASP B 171 -13.40 -34.40 9.98
N THR B 172 -13.04 -35.05 8.89
CA THR B 172 -11.65 -35.42 8.58
C THR B 172 -11.30 -34.88 7.21
N ASP B 173 -10.73 -33.69 7.20
CA ASP B 173 -10.39 -32.96 5.97
C ASP B 173 -9.00 -33.32 5.44
N GLY B 174 -8.97 -34.23 4.46
CA GLY B 174 -7.73 -34.67 3.84
C GLY B 174 -6.89 -35.58 4.71
N SER B 175 -5.84 -35.00 5.27
CA SER B 175 -4.89 -35.70 6.14
C SER B 175 -5.02 -35.11 7.55
N ASP B 176 -6.11 -34.37 7.79
CA ASP B 176 -6.36 -33.73 9.07
C ASP B 176 -7.71 -34.10 9.67
N PHE B 177 -7.77 -33.99 10.99
CA PHE B 177 -9.04 -34.12 11.71
C PHE B 177 -9.52 -32.69 11.99
N ILE B 178 -10.82 -32.44 11.86
CA ILE B 178 -11.38 -31.17 12.29
C ILE B 178 -11.99 -31.43 13.67
N GLU B 180 -13.64 -29.80 17.14
CA GLU B 180 -14.28 -28.60 17.68
C GLU B 180 -14.70 -28.77 19.12
N LYS B 181 -14.98 -27.65 19.76
CA LYS B 181 -15.22 -27.65 21.19
C LYS B 181 -16.19 -26.53 21.54
N LYS B 182 -17.45 -26.87 21.87
CA LYS B 182 -18.48 -25.90 22.26
C LYS B 182 -18.20 -25.39 23.69
N TYR B 183 -18.87 -24.31 24.08
CA TYR B 183 -18.80 -23.77 25.44
C TYR B 183 -20.19 -23.53 25.92
N TYR C 19 11.48 25.51 -9.47
CA TYR C 19 10.48 24.48 -9.72
C TYR C 19 10.05 23.80 -8.42
N PHE C 20 11.02 23.36 -7.64
CA PHE C 20 10.73 22.70 -6.37
C PHE C 20 11.78 23.04 -5.32
N GLN C 21 13.01 23.32 -5.78
CA GLN C 21 14.10 23.66 -4.89
C GLN C 21 14.39 22.61 -3.81
N SER C 22 13.96 21.36 -3.99
CA SER C 22 14.15 20.32 -2.96
C SER C 22 15.16 19.26 -3.39
N ASN C 23 16.04 19.65 -4.31
CA ASN C 23 17.09 18.79 -4.89
C ASN C 23 16.67 17.32 -5.13
N ALA C 24 15.52 17.11 -5.77
CA ALA C 24 14.94 15.76 -6.00
C ALA C 24 13.95 15.73 -7.21
N SER C 26 11.46 13.73 -7.64
CA SER C 26 10.12 13.28 -7.25
C SER C 26 9.87 13.44 -5.75
N ILE C 27 8.65 13.84 -5.44
CA ILE C 27 8.23 14.19 -4.10
C ILE C 27 7.00 13.41 -3.87
N GLU C 28 7.04 12.38 -3.04
CA GLU C 28 5.83 11.59 -2.90
C GLU C 28 5.44 11.09 -1.54
N ILE C 29 4.15 10.76 -1.47
CA ILE C 29 3.43 10.42 -0.28
C ILE C 29 2.92 8.96 -0.36
N ARG C 30 3.28 8.17 0.64
CA ARG C 30 2.76 6.83 0.76
C ARG C 30 2.76 6.52 2.25
N LYS C 31 2.08 5.46 2.65
CA LYS C 31 2.03 4.95 4.03
C LYS C 31 3.39 4.57 4.58
N LEU C 32 3.68 4.86 5.85
CA LEU C 32 4.93 4.46 6.42
C LEU C 32 5.00 2.91 6.56
N SER C 33 6.17 2.34 6.39
CA SER C 33 6.31 0.91 6.50
C SER C 33 7.27 0.71 7.64
N ILE C 34 7.48 -0.53 8.03
CA ILE C 34 8.28 -0.73 9.20
C ILE C 34 9.76 -0.43 8.94
N GLU C 35 10.16 -0.40 7.67
CA GLU C 35 11.51 -0.01 7.29
C GLU C 35 11.79 1.50 7.47
N ASP C 36 10.78 2.34 7.50
CA ASP C 36 10.95 3.77 7.71
C ASP C 36 11.20 4.11 9.17
N LEU C 37 11.17 3.11 10.04
CA LEU C 37 11.24 3.38 11.48
C LEU C 37 12.36 4.30 11.97
N GLU C 38 13.59 4.04 11.56
CA GLU C 38 14.72 4.80 12.14
C GLU C 38 14.74 6.21 11.62
N THR C 39 14.50 6.42 10.31
CA THR C 39 14.45 7.78 9.76
C THR C 39 13.23 8.53 10.35
N LEU C 40 12.16 7.81 10.64
CA LEU C 40 11.00 8.43 11.22
C LEU C 40 11.28 8.90 12.64
N ILE C 41 12.02 8.10 13.40
CA ILE C 41 12.35 8.51 14.74
C ILE C 41 13.03 9.87 14.67
N GLU C 42 14.00 10.03 13.77
CA GLU C 42 14.75 11.30 13.66
C GLU C 42 13.82 12.40 13.25
N VAL C 43 13.09 12.19 12.22
CA VAL C 43 12.18 13.19 11.77
C VAL C 43 11.05 13.51 12.80
N ALA C 44 10.58 12.53 13.59
CA ALA C 44 9.57 12.82 14.64
C ALA C 44 10.18 13.60 15.73
N ARG C 45 11.34 13.21 16.18
CA ARG C 45 11.98 13.96 17.24
C ARG C 45 12.10 15.47 16.96
N GLU C 46 12.30 15.88 15.70
CA GLU C 46 12.36 17.33 15.34
C GLU C 46 10.95 17.97 15.18
N SER C 47 10.03 17.23 14.55
CA SER C 47 8.67 17.71 14.47
C SER C 47 8.31 18.25 15.89
N TRP C 48 8.93 17.67 16.94
CA TRP C 48 8.62 18.10 18.31
C TRP C 48 9.42 19.31 18.84
N LYS C 49 10.74 19.30 18.66
CA LYS C 49 11.57 20.46 19.05
C LYS C 49 11.08 21.76 18.35
N TRP C 50 10.41 21.64 17.20
CA TRP C 50 9.84 22.81 16.51
C TRP C 50 8.47 23.11 17.03
N THR C 51 7.61 22.11 17.14
CA THR C 51 6.32 22.42 17.70
C THR C 51 6.48 23.11 19.06
N TYR C 52 7.58 22.95 19.80
CA TYR C 52 7.66 23.55 21.14
C TYR C 52 8.97 24.27 21.47
N ALA C 53 9.78 24.55 20.46
CA ALA C 53 11.08 25.20 20.75
C ALA C 53 10.87 26.51 21.50
N GLY C 54 9.78 27.20 21.23
CA GLY C 54 9.54 28.42 22.01
C GLY C 54 8.82 28.32 23.36
N ILE C 55 8.68 27.11 23.91
CA ILE C 55 7.85 26.87 25.09
C ILE C 55 8.48 26.04 26.22
N TYR C 56 8.86 24.81 25.93
CA TYR C 56 9.49 23.96 26.94
C TYR C 56 10.96 24.22 27.03
N SER C 57 11.60 23.74 28.07
CA SER C 57 12.99 23.95 28.26
C SER C 57 13.77 22.99 27.39
N GLU C 58 15.04 23.26 27.15
CA GLU C 58 15.93 22.28 26.47
C GLU C 58 15.85 20.94 27.19
N GLU C 59 16.05 21.01 28.52
CA GLU C 59 16.02 19.81 29.38
C GLU C 59 14.77 18.98 29.16
N TYR C 60 13.60 19.61 29.29
CA TYR C 60 12.32 18.91 29.18
C TYR C 60 12.08 18.38 27.78
N ILE C 61 12.56 19.09 26.76
CA ILE C 61 12.31 18.63 25.39
C ILE C 61 13.08 17.35 25.13
N GLU C 62 14.38 17.41 25.37
CA GLU C 62 15.27 16.25 25.20
C GLU C 62 14.72 14.97 25.89
N SER C 63 14.05 15.14 27.04
CA SER C 63 13.42 14.03 27.78
C SER C 63 12.14 13.51 27.14
N TRP C 64 11.14 14.35 27.04
CA TRP C 64 9.82 13.99 26.47
C TRP C 64 9.82 13.21 25.12
N ILE C 65 10.79 13.53 24.28
CA ILE C 65 10.95 12.81 23.01
C ILE C 65 11.25 11.31 23.27
N ARG C 66 12.08 11.04 24.28
CA ARG C 66 12.36 9.65 24.68
C ARG C 66 11.09 8.86 24.88
N GLU C 67 10.20 9.35 25.74
CA GLU C 67 8.94 8.68 26.03
C GLU C 67 7.96 8.65 24.86
N LYS C 68 7.85 9.72 24.10
CA LYS C 68 6.85 9.67 23.04
C LYS C 68 7.36 9.08 21.75
N TYR C 69 8.61 9.34 21.42
CA TYR C 69 9.13 8.81 20.18
C TYR C 69 10.06 7.66 20.39
N SER C 70 9.66 6.72 21.23
CA SER C 70 10.42 5.49 21.41
C SER C 70 10.20 4.62 20.18
N LYS C 71 11.11 3.70 19.98
CA LYS C 71 11.05 2.77 18.89
C LYS C 71 9.73 1.96 18.99
N GLU C 72 9.35 1.57 20.17
CA GLU C 72 8.16 0.74 20.33
C GLU C 72 6.84 1.45 20.05
N LYS C 73 6.72 2.71 20.51
CA LYS C 73 5.50 3.45 20.23
C LYS C 73 5.38 3.87 18.77
N LEU C 74 6.45 4.28 18.12
CA LEU C 74 6.36 4.60 16.71
C LEU C 74 6.06 3.37 15.85
N LEU C 75 6.54 2.19 16.29
CA LEU C 75 6.33 0.91 15.64
C LEU C 75 4.90 0.50 15.83
N ASN C 76 4.43 0.58 17.07
CA ASN C 76 3.00 0.33 17.28
C ASN C 76 2.13 1.14 16.28
N GLU C 77 2.46 2.39 16.06
CA GLU C 77 1.64 3.30 15.24
C GLU C 77 1.73 3.07 13.73
N ILE C 78 2.92 2.70 13.25
CA ILE C 78 3.12 2.35 11.83
C ILE C 78 2.41 0.99 11.48
N VAL C 79 2.48 0.04 12.41
CA VAL C 79 1.86 -1.24 12.22
C VAL C 79 0.39 -1.07 12.17
N ARG C 80 -0.15 -0.31 13.10
CA ARG C 80 -1.55 -0.03 13.13
C ARG C 80 -2.05 0.68 11.87
N SER C 81 -1.24 1.58 11.32
CA SER C 81 -1.57 2.24 10.04
C SER C 81 -1.48 1.23 8.93
N GLN C 82 -0.46 0.38 8.98
CA GLN C 82 -0.31 -0.62 7.93
C GLN C 82 -1.42 -1.69 7.96
N SER C 83 -2.00 -1.95 9.12
CA SER C 83 -3.04 -2.93 9.25
C SER C 83 -4.48 -2.40 9.08
N ASN C 84 -4.65 -1.16 8.65
CA ASN C 84 -5.92 -0.46 8.48
C ASN C 84 -6.72 -0.49 9.73
N LEU C 85 -6.09 -0.06 10.83
CA LEU C 85 -6.76 -0.03 12.17
C LEU C 85 -6.89 1.39 12.63
N ASP C 86 -6.59 1.73 13.86
CA ASP C 86 -6.93 3.07 14.34
C ASP C 86 -5.95 4.19 14.09
N ILE C 87 -5.03 4.03 13.14
CA ILE C 87 -4.05 5.06 12.91
C ILE C 87 -3.82 5.17 11.42
N LEU C 88 -3.58 6.37 10.89
CA LEU C 88 -3.19 6.54 9.51
C LEU C 88 -1.90 7.28 9.54
N PHE C 89 -0.85 6.77 8.89
CA PHE C 89 0.48 7.36 9.03
C PHE C 89 1.14 7.42 7.70
N LEU C 90 1.14 8.60 7.09
CA LEU C 90 1.77 8.79 5.81
C LEU C 90 3.13 9.58 5.89
N GLY C 91 4.07 9.25 5.03
CA GLY C 91 5.32 9.96 5.01
C GLY C 91 5.39 10.68 3.67
N ALA C 92 6.12 11.80 3.64
CA ALA C 92 6.39 12.52 2.37
C ALA C 92 7.88 12.31 2.12
N PHE C 93 8.24 11.88 0.94
CA PHE C 93 9.65 11.54 0.56
C PHE C 93 10.15 12.28 -0.70
N ALA C 94 11.37 12.83 -0.67
CA ALA C 94 12.04 13.47 -1.79
C ALA C 94 13.00 12.41 -2.29
N ASP C 95 12.85 11.97 -3.53
CA ASP C 95 13.68 10.87 -4.02
C ASP C 95 14.04 9.77 -3.04
N SER C 96 13.07 9.25 -2.31
CA SER C 96 13.45 8.26 -1.32
C SER C 96 13.98 8.69 0.06
N THR C 97 14.08 10.00 0.33
CA THR C 97 14.33 10.52 1.70
C THR C 97 13.04 11.01 2.46
N LEU C 98 12.76 10.51 3.66
CA LEU C 98 11.64 11.01 4.41
C LEU C 98 11.85 12.47 4.84
N ILE C 99 10.94 13.35 4.41
CA ILE C 99 11.04 14.78 4.72
C ILE C 99 9.84 15.29 5.48
N GLY C 100 8.76 14.53 5.55
CA GLY C 100 7.65 14.94 6.40
C GLY C 100 6.71 13.79 6.62
N PHE C 101 5.69 14.01 7.44
CA PHE C 101 4.67 13.02 7.71
C PHE C 101 3.40 13.61 8.27
N ILE C 102 2.36 12.78 8.33
CA ILE C 102 1.12 13.17 8.95
C ILE C 102 0.59 11.96 9.64
N GLU C 103 0.15 12.11 10.89
CA GLU C 103 -0.39 11.01 11.64
C GLU C 103 -1.74 11.37 12.15
N LEU C 104 -2.69 10.44 12.01
CA LEU C 104 -4.03 10.64 12.49
C LEU C 104 -4.56 9.43 13.28
N LYS C 105 -5.44 9.65 14.27
CA LYS C 105 -6.15 8.59 14.99
C LYS C 105 -7.54 8.55 14.52
N ILE C 106 -8.04 7.34 14.24
CA ILE C 106 -9.41 7.17 13.77
C ILE C 106 -10.22 6.31 14.74
N ILE C 107 -11.15 6.94 15.43
CA ILE C 107 -12.02 6.17 16.28
C ILE C 107 -13.40 6.12 15.69
N ALA C 108 -13.74 4.95 15.20
CA ALA C 108 -14.97 4.71 14.50
C ALA C 108 -14.87 5.80 13.46
N ASN C 109 -15.78 6.74 13.51
CA ASN C 109 -16.22 7.58 12.41
C ASN C 109 -15.59 8.95 12.38
N LYS C 110 -14.78 9.22 13.38
CA LYS C 110 -14.11 10.51 13.57
C LYS C 110 -12.60 10.34 13.50
N ALA C 111 -11.88 11.42 13.20
CA ALA C 111 -10.41 11.41 13.17
C ALA C 111 -9.75 12.57 13.96
N GLU C 112 -8.58 12.33 14.47
CA GLU C 112 -7.93 13.35 15.18
C GLU C 112 -6.62 13.44 14.53
N LEU C 113 -6.24 14.64 14.12
CA LEU C 113 -5.00 14.86 13.47
C LEU C 113 -4.02 15.18 14.57
N LEU C 114 -3.18 14.18 14.86
CA LEU C 114 -2.16 14.17 15.95
C LEU C 114 -0.89 14.93 15.64
N ARG C 115 -0.42 14.80 14.41
CA ARG C 115 0.72 15.60 13.98
C ARG C 115 0.90 15.70 12.48
N LEU C 116 1.43 16.83 12.09
CA LEU C 116 1.74 17.11 10.73
C LEU C 116 3.06 17.86 10.72
N TYR C 117 4.03 17.36 9.95
CA TYR C 117 5.29 17.99 9.90
C TYR C 117 6.08 17.86 8.62
N LEU C 118 6.72 18.96 8.25
CA LEU C 118 7.68 18.99 7.18
C LEU C 118 9.01 19.53 7.72
N LYS C 119 10.13 18.98 7.28
CA LYS C 119 11.41 19.58 7.63
C LYS C 119 11.47 21.03 7.02
N PRO C 120 12.06 21.97 7.79
CA PRO C 120 12.18 23.37 7.37
C PRO C 120 12.58 23.49 5.93
N GLU C 121 13.65 22.78 5.55
CA GLU C 121 14.24 22.87 4.19
C GLU C 121 13.27 22.55 3.07
N TYR C 122 12.19 21.85 3.42
CA TYR C 122 11.13 21.43 2.48
C TYR C 122 9.77 22.00 2.84
N THR C 123 9.73 23.10 3.61
CA THR C 123 8.44 23.63 4.08
C THR C 123 7.66 24.43 3.04
N HIS C 124 7.26 23.72 1.98
CA HIS C 124 6.44 24.27 0.88
C HIS C 124 5.00 23.81 1.13
N LYS C 125 4.13 24.80 1.32
CA LYS C 125 2.72 24.60 1.63
C LYS C 125 2.01 23.62 0.68
N LYS C 126 2.56 23.37 -0.52
CA LYS C 126 2.02 22.35 -1.45
C LYS C 126 2.30 20.91 -0.99
N ILE C 127 3.43 20.71 -0.30
CA ILE C 127 3.74 19.37 0.17
C ILE C 127 2.82 19.03 1.34
N GLY C 128 2.73 19.93 2.34
CA GLY C 128 1.86 19.80 3.57
C GLY C 128 0.41 19.54 3.16
N LYS C 129 0.01 20.32 2.19
CA LYS C 129 -1.28 20.20 1.58
C LYS C 129 -1.38 18.84 0.94
N THR C 130 -0.31 18.34 0.30
CA THR C 130 -0.41 16.99 -0.35
C THR C 130 -0.60 15.88 0.69
N LEU C 131 0.20 15.94 1.75
CA LEU C 131 0.04 15.04 2.86
C LEU C 131 -1.41 15.06 3.40
N LEU C 132 -1.90 16.22 3.80
CA LEU C 132 -3.25 16.37 4.31
C LEU C 132 -4.27 15.91 3.26
N LEU C 133 -4.06 16.24 2.00
CA LEU C 133 -4.98 15.84 0.95
C LEU C 133 -5.04 14.32 0.71
N GLU C 134 -3.91 13.63 0.73
CA GLU C 134 -3.92 12.17 0.60
C GLU C 134 -4.51 11.53 1.89
N ALA C 135 -4.30 12.17 3.03
CA ALA C 135 -4.90 11.67 4.23
C ALA C 135 -6.46 11.73 4.13
N GLU C 136 -7.01 12.76 3.55
CA GLU C 136 -8.47 12.83 3.43
C GLU C 136 -9.10 11.87 2.40
N LYS C 137 -8.43 11.64 1.31
CA LYS C 137 -8.88 10.67 0.30
C LYS C 137 -8.97 9.31 0.97
N ILE C 138 -7.96 8.93 1.76
CA ILE C 138 -8.01 7.66 2.49
C ILE C 138 -9.15 7.62 3.55
N LYS C 140 -12.10 9.42 3.45
CA LYS C 140 -13.39 9.38 2.74
C LYS C 140 -13.83 7.91 2.58
N LYS C 141 -12.94 7.15 1.95
CA LYS C 141 -13.12 5.72 1.65
C LYS C 141 -13.42 4.93 2.91
N LYS C 142 -12.74 5.22 4.02
CA LYS C 142 -13.05 4.56 5.28
C LYS C 142 -14.37 5.11 5.86
N GLY C 143 -14.79 6.30 5.47
CA GLY C 143 -16.03 6.88 5.99
C GLY C 143 -15.88 7.90 7.13
N ILE C 144 -14.67 8.35 7.45
CA ILE C 144 -14.53 9.35 8.53
C ILE C 144 -15.23 10.62 8.05
N LEU C 145 -16.14 11.10 8.87
CA LEU C 145 -16.93 12.28 8.54
C LEU C 145 -16.47 13.56 9.21
N GLU C 146 -15.56 13.46 10.17
CA GLU C 146 -15.18 14.59 10.96
C GLU C 146 -13.69 14.50 11.36
N CYS C 147 -12.95 15.59 11.38
CA CYS C 147 -11.55 15.56 11.79
C CYS C 147 -11.27 16.73 12.76
N ARG C 148 -10.70 16.45 13.94
CA ARG C 148 -10.34 17.50 14.87
C ARG C 148 -8.83 17.63 14.99
N LEU C 149 -8.36 18.78 15.45
CA LEU C 149 -6.97 19.00 15.62
C LEU C 149 -6.74 20.04 16.69
N TYR C 150 -5.56 20.03 17.28
CA TYR C 150 -5.18 20.91 18.33
C TYR C 150 -4.05 21.70 17.82
N VAL C 151 -4.03 23.01 18.04
CA VAL C 151 -2.97 23.87 17.53
C VAL C 151 -2.63 24.92 18.60
N HIS C 152 -1.36 24.96 19.00
CA HIS C 152 -0.92 25.93 20.01
C HIS C 152 -1.13 27.29 19.41
N ARG C 153 -1.58 28.19 20.26
CA ARG C 153 -1.98 29.57 19.88
C ARG C 153 -0.94 30.44 19.21
N GLN C 154 0.32 30.23 19.56
CA GLN C 154 1.42 30.99 18.98
C GLN C 154 1.75 30.47 17.57
N ASN C 155 1.50 29.19 17.35
CA ASN C 155 1.76 28.57 16.06
C ASN C 155 0.83 29.23 15.04
N SER C 156 1.23 30.39 14.56
CA SER C 156 0.49 31.08 13.55
C SER C 156 0.61 30.47 12.18
N VAL C 157 1.73 29.80 11.87
CA VAL C 157 1.90 29.17 10.56
C VAL C 157 0.95 28.03 10.41
N GLY C 158 0.86 27.23 11.47
CA GLY C 158 -0.04 26.06 11.47
C GLY C 158 -1.45 26.55 11.38
N PHE C 159 -1.77 27.49 12.26
CA PHE C 159 -3.14 28.03 12.35
C PHE C 159 -3.58 28.49 10.99
N SER C 160 -2.75 29.29 10.32
CA SER C 160 -3.01 29.78 8.94
C SER C 160 -3.20 28.66 7.96
N PHE C 161 -2.24 27.75 7.90
CA PHE C 161 -2.34 26.56 7.02
C PHE C 161 -3.65 25.83 7.28
N TYR C 162 -4.00 25.66 8.55
CA TYR C 162 -5.22 24.94 8.83
C TYR C 162 -6.47 25.63 8.33
N TYR C 163 -6.69 26.92 8.59
CA TYR C 163 -7.90 27.59 8.08
C TYR C 163 -8.04 27.59 6.56
N LYS C 164 -6.89 27.75 5.90
CA LYS C 164 -6.86 27.78 4.45
C LYS C 164 -7.29 26.43 3.90
N ASN C 165 -7.08 25.34 4.65
CA ASN C 165 -7.50 24.02 4.20
C ASN C 165 -8.86 23.55 4.79
N GLY C 166 -9.63 24.47 5.40
CA GLY C 166 -10.97 24.14 5.85
C GLY C 166 -11.31 23.93 7.32
N PHE C 167 -10.36 24.06 8.23
CA PHE C 167 -10.67 23.89 9.65
C PHE C 167 -11.12 25.22 10.30
N LYS C 168 -12.03 25.15 11.26
CA LYS C 168 -12.46 26.35 11.98
C LYS C 168 -12.19 26.18 13.47
N VAL C 169 -12.13 27.26 14.22
CA VAL C 169 -11.92 27.15 15.63
C VAL C 169 -13.21 26.68 16.29
N GLU C 170 -13.16 25.65 17.12
CA GLU C 170 -14.37 25.17 17.81
C GLU C 170 -14.32 25.53 19.25
N ASP C 171 -13.12 25.66 19.78
CA ASP C 171 -12.91 25.98 21.16
C ASP C 171 -11.46 26.25 21.45
N THR C 172 -11.20 26.58 22.70
CA THR C 172 -9.86 26.66 23.22
C THR C 172 -9.67 25.62 24.35
N ASP C 173 -8.48 25.03 24.42
CA ASP C 173 -8.16 24.12 25.51
C ASP C 173 -6.97 24.72 26.29
N GLY C 174 -7.20 25.92 26.82
CA GLY C 174 -6.20 26.69 27.54
C GLY C 174 -5.27 27.21 26.48
N SER C 175 -4.13 26.52 26.34
CA SER C 175 -3.06 26.86 25.36
C SER C 175 -3.27 26.42 23.90
N ASP C 176 -4.41 25.81 23.58
CA ASP C 176 -4.65 25.39 22.22
C ASP C 176 -6.05 25.70 21.66
N PHE C 177 -6.05 25.99 20.39
CA PHE C 177 -7.25 26.01 19.68
C PHE C 177 -7.59 24.56 19.39
N ILE C 178 -8.82 24.15 19.67
CA ILE C 178 -9.30 22.89 19.09
C ILE C 178 -9.80 23.42 17.72
N GLU C 180 -11.66 22.31 13.84
CA GLU C 180 -12.43 21.22 13.22
C GLU C 180 -12.77 21.43 11.76
N LYS C 181 -13.03 20.31 11.09
CA LYS C 181 -13.45 20.25 9.67
C LYS C 181 -14.35 19.03 9.50
N LYS C 182 -15.56 19.20 8.95
CA LYS C 182 -16.47 18.05 8.67
C LYS C 182 -16.26 17.63 7.21
N TYR C 183 -16.67 16.41 6.86
CA TYR C 183 -16.66 15.96 5.44
C TYR C 183 -18.03 15.37 5.14
N ILE D 27 22.28 21.79 -36.34
CA ILE D 27 21.26 22.36 -35.41
C ILE D 27 20.16 21.33 -34.97
N GLU D 28 20.51 20.31 -34.19
CA GLU D 28 19.53 19.25 -33.87
C GLU D 28 18.98 19.10 -32.44
N ILE D 29 17.76 18.55 -32.35
CA ILE D 29 17.04 18.35 -31.11
C ILE D 29 16.88 16.85 -30.89
N ARG D 30 17.28 16.38 -29.71
CA ARG D 30 17.20 14.99 -29.33
C ARG D 30 17.44 14.84 -27.82
N LYS D 31 17.14 13.66 -27.27
CA LYS D 31 17.29 13.42 -25.84
C LYS D 31 18.74 13.38 -25.38
N LEU D 32 19.06 13.96 -24.25
CA LEU D 32 20.39 13.84 -23.69
C LEU D 32 20.71 12.35 -23.45
N SER D 33 21.97 12.00 -23.32
CA SER D 33 22.38 10.64 -23.11
C SER D 33 23.52 10.64 -22.09
N ILE D 34 23.89 9.47 -21.55
CA ILE D 34 24.93 9.47 -20.53
C ILE D 34 26.18 10.18 -20.97
N GLU D 35 26.48 10.05 -22.24
CA GLU D 35 27.62 10.67 -22.86
C GLU D 35 27.70 12.18 -22.60
N ASP D 36 26.55 12.84 -22.53
CA ASP D 36 26.45 14.32 -22.46
C ASP D 36 26.51 14.89 -21.09
N LEU D 37 26.71 14.02 -20.10
CA LEU D 37 26.76 14.41 -18.71
C LEU D 37 27.71 15.52 -18.46
N GLU D 38 28.99 15.30 -18.74
CA GLU D 38 29.99 16.33 -18.41
C GLU D 38 29.75 17.67 -19.11
N THR D 39 29.32 17.64 -20.34
CA THR D 39 29.12 18.84 -21.04
C THR D 39 27.85 19.49 -20.44
N LEU D 40 26.83 18.71 -20.17
CA LEU D 40 25.67 19.28 -19.54
C LEU D 40 26.09 20.02 -18.25
N ILE D 41 26.95 19.41 -17.47
CA ILE D 41 27.38 20.04 -16.26
C ILE D 41 28.11 21.32 -16.56
N GLU D 42 28.90 21.35 -17.60
CA GLU D 42 29.62 22.61 -17.97
C GLU D 42 28.73 23.76 -18.42
N VAL D 43 27.77 23.40 -19.25
CA VAL D 43 26.82 24.36 -19.70
C VAL D 43 26.06 24.91 -18.47
N ALA D 44 25.75 24.08 -17.49
CA ALA D 44 25.07 24.56 -16.27
C ALA D 44 26.04 25.45 -15.51
N ARG D 45 27.28 25.03 -15.37
CA ARG D 45 28.29 25.91 -14.71
C ARG D 45 28.37 27.28 -15.43
N GLU D 46 28.45 27.23 -16.75
CA GLU D 46 28.59 28.42 -17.57
C GLU D 46 27.41 29.36 -17.46
N SER D 47 26.17 28.89 -17.46
CA SER D 47 25.03 29.82 -17.28
C SER D 47 25.00 30.46 -15.90
N TRP D 48 25.29 29.72 -14.86
CA TRP D 48 25.36 30.31 -13.52
C TRP D 48 26.51 31.30 -13.45
N LYS D 49 27.69 31.01 -14.00
CA LYS D 49 28.78 32.03 -13.91
C LYS D 49 28.40 33.28 -14.72
N TRP D 50 27.67 33.08 -15.79
CA TRP D 50 27.27 34.19 -16.64
C TRP D 50 26.36 35.15 -15.85
N THR D 51 25.26 34.63 -15.34
CA THR D 51 24.27 35.38 -14.58
C THR D 51 24.75 35.94 -13.23
N TYR D 52 25.79 35.39 -12.65
CA TYR D 52 26.21 35.81 -11.33
C TYR D 52 27.70 36.11 -11.22
N ALA D 53 28.34 36.46 -12.34
CA ALA D 53 29.82 36.46 -12.42
C ALA D 53 30.66 37.35 -11.47
N GLY D 54 30.30 38.61 -11.24
CA GLY D 54 31.00 39.41 -10.22
C GLY D 54 30.13 39.72 -9.01
N ILE D 55 29.10 38.90 -8.80
CA ILE D 55 28.15 39.04 -7.71
C ILE D 55 28.43 37.98 -6.61
N TYR D 56 28.24 36.71 -6.94
CA TYR D 56 28.54 35.67 -5.99
C TYR D 56 30.02 35.35 -6.02
N SER D 57 30.53 34.76 -4.97
CA SER D 57 31.94 34.34 -4.97
C SER D 57 32.08 33.12 -5.82
N GLU D 58 33.30 32.92 -6.32
CA GLU D 58 33.62 31.76 -7.14
C GLU D 58 33.39 30.51 -6.34
N GLU D 59 33.73 30.55 -5.04
CA GLU D 59 33.51 29.40 -4.16
C GLU D 59 32.01 29.11 -4.04
N TYR D 60 31.21 30.18 -3.90
CA TYR D 60 29.75 30.01 -3.73
C TYR D 60 29.17 29.43 -5.00
N ILE D 61 29.69 29.84 -6.16
CA ILE D 61 29.12 29.30 -7.43
C ILE D 61 29.37 27.80 -7.57
N GLU D 62 30.62 27.37 -7.42
CA GLU D 62 30.97 25.94 -7.56
C GLU D 62 30.30 25.15 -6.51
N SER D 63 30.13 25.73 -5.34
CA SER D 63 29.39 25.04 -4.31
C SER D 63 27.94 24.86 -4.77
N TRP D 64 27.39 25.82 -5.44
CA TRP D 64 26.03 25.70 -5.95
C TRP D 64 25.88 24.68 -7.13
N ILE D 65 26.89 24.59 -7.97
CA ILE D 65 26.85 23.58 -9.06
C ILE D 65 26.95 22.17 -8.49
N ARG D 66 27.92 21.93 -7.61
CA ARG D 66 28.01 20.65 -6.92
C ARG D 66 26.68 20.24 -6.28
N GLU D 67 26.03 21.19 -5.62
CA GLU D 67 24.72 20.97 -5.01
C GLU D 67 23.60 20.66 -6.06
N LYS D 68 23.33 21.56 -7.00
CA LYS D 68 22.20 21.36 -7.96
C LYS D 68 22.50 20.62 -9.24
N TYR D 69 23.73 20.40 -9.59
CA TYR D 69 24.01 19.65 -10.79
C TYR D 69 24.94 18.51 -10.51
N SER D 70 24.63 17.70 -9.54
CA SER D 70 25.47 16.59 -9.25
C SER D 70 25.26 15.52 -10.32
N LYS D 71 26.32 14.76 -10.50
CA LYS D 71 26.24 13.65 -11.41
C LYS D 71 25.06 12.76 -10.98
N GLU D 72 24.93 12.50 -9.68
CA GLU D 72 23.87 11.61 -9.24
C GLU D 72 22.55 12.04 -9.74
N LYS D 73 22.17 13.28 -9.53
CA LYS D 73 20.84 13.78 -9.93
C LYS D 73 20.69 13.96 -11.47
N LEU D 74 21.71 14.47 -12.15
CA LEU D 74 21.59 14.58 -13.62
C LEU D 74 21.48 13.21 -14.27
N LEU D 75 22.30 12.25 -13.85
CA LEU D 75 22.17 10.89 -14.42
C LEU D 75 20.79 10.28 -14.18
N ASN D 76 20.31 10.39 -12.96
CA ASN D 76 18.96 9.86 -12.70
C ASN D 76 17.94 10.50 -13.68
N GLU D 77 18.07 11.78 -13.99
CA GLU D 77 17.16 12.44 -14.95
C GLU D 77 17.39 12.09 -16.39
N ILE D 78 18.64 12.06 -16.84
CA ILE D 78 18.94 11.62 -18.21
C ILE D 78 18.37 10.20 -18.44
N VAL D 79 18.62 9.30 -17.50
CA VAL D 79 18.17 7.89 -17.60
C VAL D 79 16.60 7.71 -17.65
N ARG D 80 15.86 8.45 -16.81
CA ARG D 80 14.39 8.42 -16.84
C ARG D 80 13.83 8.95 -18.18
N SER D 81 14.43 10.01 -18.71
CA SER D 81 14.05 10.52 -20.01
C SER D 81 14.37 9.50 -21.10
N GLN D 82 15.60 8.98 -21.16
CA GLN D 82 15.93 7.89 -22.07
C GLN D 82 14.96 6.68 -22.03
N SER D 83 14.32 6.40 -20.89
CA SER D 83 13.36 5.30 -20.83
C SER D 83 11.93 5.75 -20.98
N ASN D 84 11.70 6.97 -21.45
CA ASN D 84 10.34 7.52 -21.55
C ASN D 84 9.51 7.48 -20.27
N LEU D 85 10.16 7.74 -19.12
CA LEU D 85 9.43 7.70 -17.85
C LEU D 85 8.94 9.11 -17.49
N ASP D 86 9.17 9.52 -16.22
CA ASP D 86 8.60 10.74 -15.70
C ASP D 86 9.42 12.01 -15.96
N ILE D 87 10.41 11.95 -16.81
CA ILE D 87 11.20 13.14 -17.07
C ILE D 87 11.39 13.17 -18.59
N LEU D 88 11.37 14.35 -19.21
CA LEU D 88 11.64 14.52 -20.66
C LEU D 88 12.75 15.51 -20.67
N PHE D 89 13.91 15.15 -21.23
CA PHE D 89 15.13 15.99 -21.17
C PHE D 89 15.73 16.02 -22.57
N LEU D 90 15.44 17.11 -23.30
CA LEU D 90 15.84 17.27 -24.69
C LEU D 90 16.96 18.27 -24.75
N GLY D 91 17.97 17.99 -25.55
CA GLY D 91 19.08 18.93 -25.78
C GLY D 91 18.97 19.57 -27.16
N ALA D 92 19.60 20.75 -27.31
CA ALA D 92 19.73 21.46 -28.60
C ALA D 92 21.21 21.43 -29.01
N PHE D 93 21.50 20.79 -30.11
CA PHE D 93 22.88 20.60 -30.57
C PHE D 93 23.23 21.40 -31.84
N ALA D 94 24.37 22.07 -31.81
CA ALA D 94 24.89 22.86 -32.96
C ALA D 94 26.32 22.38 -33.21
N ASP D 95 26.52 21.65 -34.32
CA ASP D 95 27.84 21.04 -34.64
C ASP D 95 28.29 20.21 -33.43
N SER D 96 27.35 19.44 -32.90
CA SER D 96 27.58 18.59 -31.71
C SER D 96 27.92 19.33 -30.40
N THR D 97 27.51 20.59 -30.28
CA THR D 97 27.71 21.39 -29.07
C THR D 97 26.36 21.62 -28.45
N LEU D 98 26.24 21.29 -27.16
CA LEU D 98 25.03 21.55 -26.44
C LEU D 98 25.02 23.05 -26.25
N ILE D 99 23.91 23.65 -26.66
CA ILE D 99 23.74 25.07 -26.61
C ILE D 99 22.42 25.40 -25.94
N GLY D 100 21.69 24.36 -25.54
CA GLY D 100 20.40 24.53 -24.89
C GLY D 100 19.71 23.22 -24.57
N PHE D 101 18.72 23.31 -23.70
CA PHE D 101 17.90 22.19 -23.35
C PHE D 101 16.61 22.59 -22.67
N ILE D 102 15.67 21.65 -22.73
CA ILE D 102 14.44 21.79 -22.06
C ILE D 102 14.33 20.50 -21.22
N GLU D 103 13.71 20.61 -20.06
CA GLU D 103 13.58 19.49 -19.19
C GLU D 103 12.23 19.55 -18.53
N LEU D 104 11.45 18.48 -18.61
CA LEU D 104 10.14 18.44 -17.99
C LEU D 104 9.87 17.21 -17.13
N LYS D 105 8.97 17.40 -16.17
CA LYS D 105 8.54 16.39 -15.26
C LYS D 105 7.11 16.00 -15.69
N ILE D 106 6.85 14.71 -15.86
CA ILE D 106 5.57 14.22 -16.32
C ILE D 106 4.93 13.34 -15.27
N ILE D 107 3.68 13.64 -14.93
CA ILE D 107 2.89 12.86 -13.98
C ILE D 107 1.53 12.53 -14.64
N ALA D 108 1.36 11.26 -15.02
CA ALA D 108 0.15 10.78 -15.68
C ALA D 108 -0.16 11.71 -16.85
N ASN D 109 -1.33 12.37 -16.79
CA ASN D 109 -1.86 13.31 -17.80
C ASN D 109 -1.22 14.73 -17.83
N LYS D 110 -0.37 15.06 -16.87
CA LYS D 110 0.15 16.43 -16.73
C LYS D 110 1.66 16.51 -16.88
N ALA D 111 2.14 17.74 -17.05
CA ALA D 111 3.56 18.07 -17.19
C ALA D 111 3.89 19.41 -16.54
N GLU D 112 5.11 19.53 -16.00
CA GLU D 112 5.64 20.72 -15.34
C GLU D 112 7.00 21.06 -15.92
N LEU D 113 7.18 22.28 -16.39
CA LEU D 113 8.45 22.64 -17.05
C LEU D 113 9.46 23.01 -16.02
N LEU D 114 10.53 22.25 -15.92
CA LEU D 114 11.53 22.55 -14.91
C LEU D 114 12.44 23.65 -15.42
N ARG D 115 13.18 23.34 -16.48
CA ARG D 115 14.05 24.29 -17.16
C ARG D 115 13.90 24.32 -18.69
N LEU D 116 14.32 25.42 -19.27
CA LEU D 116 14.33 25.68 -20.70
C LEU D 116 15.42 26.70 -20.95
N TYR D 117 16.66 26.28 -20.66
CA TYR D 117 17.83 27.12 -20.84
C TYR D 117 18.32 27.24 -22.30
N LEU D 118 18.67 28.44 -22.73
CA LEU D 118 19.17 28.64 -24.08
C LEU D 118 20.40 29.52 -23.96
N LYS D 119 21.53 29.13 -24.55
CA LYS D 119 22.73 30.01 -24.51
C LYS D 119 22.32 31.38 -25.09
N PRO D 120 22.67 32.48 -24.37
CA PRO D 120 22.29 33.86 -24.68
C PRO D 120 22.38 34.29 -26.16
N GLU D 121 23.39 33.80 -26.88
CA GLU D 121 23.56 34.10 -28.31
C GLU D 121 22.28 33.75 -29.08
N TYR D 122 21.67 32.64 -28.72
CA TYR D 122 20.55 32.09 -29.46
C TYR D 122 19.13 32.48 -28.99
N THR D 123 19.03 33.46 -28.10
CA THR D 123 17.74 33.91 -27.55
C THR D 123 16.78 34.51 -28.56
N HIS D 124 17.31 35.25 -29.54
CA HIS D 124 16.52 35.91 -30.61
C HIS D 124 16.03 34.95 -31.71
N LYS D 125 16.66 33.77 -31.78
CA LYS D 125 16.29 32.69 -32.71
C LYS D 125 15.03 31.97 -32.24
N LYS D 126 14.60 30.94 -32.97
CA LYS D 126 13.39 30.21 -32.60
C LYS D 126 13.72 28.95 -31.82
N ILE D 127 14.98 28.81 -31.41
CA ILE D 127 15.44 27.57 -30.78
C ILE D 127 14.69 27.23 -29.50
N GLY D 128 14.42 28.26 -28.70
CA GLY D 128 13.68 28.11 -27.46
C GLY D 128 12.30 27.61 -27.84
N LYS D 129 11.74 28.18 -28.91
CA LYS D 129 10.42 27.80 -29.40
C LYS D 129 10.48 26.40 -30.02
N THR D 130 11.63 26.08 -30.60
CA THR D 130 11.84 24.76 -31.18
C THR D 130 11.92 23.69 -30.04
N LEU D 131 12.67 23.96 -28.99
CA LEU D 131 12.75 22.97 -27.92
C LEU D 131 11.38 22.70 -27.34
N LEU D 132 10.61 23.76 -27.16
CA LEU D 132 9.27 23.65 -26.59
C LEU D 132 8.34 22.88 -27.49
N LEU D 133 8.47 23.08 -28.80
CA LEU D 133 7.56 22.47 -29.78
C LEU D 133 7.81 20.95 -29.85
N GLU D 134 9.07 20.58 -29.86
CA GLU D 134 9.41 19.18 -29.84
C GLU D 134 8.97 18.55 -28.53
N ALA D 135 9.12 19.25 -27.42
CA ALA D 135 8.63 18.73 -26.13
C ALA D 135 7.12 18.43 -26.26
N GLU D 136 6.40 19.33 -26.92
CA GLU D 136 4.97 19.14 -27.11
C GLU D 136 4.68 17.92 -28.00
N LYS D 137 5.43 17.78 -29.09
CA LYS D 137 5.30 16.63 -30.00
C LYS D 137 5.22 15.36 -29.16
N ILE D 138 6.28 15.14 -28.36
CA ILE D 138 6.41 13.97 -27.55
C ILE D 138 5.27 13.81 -26.53
N LYS D 140 2.08 15.37 -26.44
CA LYS D 140 0.74 15.24 -27.03
C LYS D 140 0.62 13.75 -27.28
N LYS D 141 1.60 13.20 -27.99
CA LYS D 141 1.68 11.76 -28.30
C LYS D 141 1.50 10.95 -27.02
N LYS D 142 2.40 11.17 -26.07
CA LYS D 142 2.40 10.46 -24.80
C LYS D 142 1.04 10.59 -24.09
N GLY D 143 0.26 11.60 -24.47
CA GLY D 143 -1.10 11.80 -23.94
C GLY D 143 -1.26 12.87 -22.87
N ILE D 144 -0.27 13.74 -22.69
CA ILE D 144 -0.32 14.81 -21.69
C ILE D 144 -1.38 15.85 -22.08
N LEU D 145 -2.35 16.06 -21.19
CA LEU D 145 -3.53 16.97 -21.43
C LEU D 145 -3.30 18.45 -21.07
N GLU D 146 -2.14 18.76 -20.45
CA GLU D 146 -1.88 20.09 -19.92
C GLU D 146 -0.44 20.29 -19.43
N CYS D 147 0.08 21.51 -19.51
CA CYS D 147 1.46 21.77 -19.04
C CYS D 147 1.55 22.98 -18.13
N ARG D 148 2.24 22.86 -16.98
CA ARG D 148 2.41 23.99 -16.05
C ARG D 148 3.84 24.36 -15.80
N LEU D 149 4.08 25.53 -15.26
CA LEU D 149 5.44 26.00 -14.95
C LEU D 149 5.34 27.31 -14.23
N TYR D 150 6.33 27.60 -13.42
CA TYR D 150 6.35 28.80 -12.61
C TYR D 150 7.33 29.72 -13.26
N VAL D 151 7.04 31.02 -13.18
CA VAL D 151 7.91 32.08 -13.72
C VAL D 151 7.87 33.24 -12.77
N HIS D 152 9.06 33.73 -12.45
CA HIS D 152 9.18 34.87 -11.55
C HIS D 152 8.48 36.09 -12.18
N ARG D 153 7.91 36.93 -11.32
CA ARG D 153 7.20 38.14 -11.78
C ARG D 153 8.10 39.17 -12.49
N GLN D 154 9.40 39.12 -12.21
CA GLN D 154 10.35 40.06 -12.77
C GLN D 154 11.06 39.53 -14.00
N ASN D 155 10.70 38.32 -14.41
CA ASN D 155 11.28 37.77 -15.61
C ASN D 155 10.44 38.14 -16.82
N SER D 156 10.61 39.38 -17.25
CA SER D 156 9.92 39.84 -18.44
C SER D 156 9.98 38.80 -19.56
N VAL D 157 11.20 38.47 -19.95
CA VAL D 157 11.43 37.64 -21.13
C VAL D 157 10.66 36.35 -21.08
N GLY D 158 10.80 35.65 -19.96
CA GLY D 158 10.15 34.36 -19.78
C GLY D 158 8.67 34.54 -19.86
N PHE D 159 8.16 35.46 -19.06
CA PHE D 159 6.74 35.76 -19.09
C PHE D 159 6.30 35.98 -20.53
N SER D 160 7.06 36.84 -21.21
CA SER D 160 6.76 37.18 -22.59
C SER D 160 6.84 35.98 -23.50
N PHE D 161 7.86 35.17 -23.27
CA PHE D 161 8.12 34.00 -24.08
C PHE D 161 7.02 32.95 -24.00
N TYR D 162 6.61 32.62 -22.76
CA TYR D 162 5.55 31.63 -22.50
C TYR D 162 4.17 32.23 -22.82
N TYR D 163 4.04 33.56 -22.62
CA TYR D 163 2.81 34.28 -22.98
C TYR D 163 2.57 34.16 -24.50
N LYS D 164 3.61 34.44 -25.30
CA LYS D 164 3.49 34.36 -26.77
C LYS D 164 3.39 32.90 -27.26
N ASN D 165 3.66 31.95 -26.38
CA ASN D 165 3.56 30.53 -26.73
C ASN D 165 2.32 29.83 -26.11
N GLY D 166 1.32 30.62 -25.74
CA GLY D 166 0.04 30.11 -25.21
C GLY D 166 -0.13 29.94 -23.71
N PHE D 167 0.84 30.37 -22.90
CA PHE D 167 0.72 30.21 -21.44
C PHE D 167 -0.05 31.34 -20.78
N LYS D 168 -1.15 30.99 -20.11
CA LYS D 168 -2.02 31.94 -19.40
C LYS D 168 -1.79 31.85 -17.88
N VAL D 169 -1.68 33.01 -17.21
CA VAL D 169 -1.51 33.05 -15.75
C VAL D 169 -2.79 32.52 -15.06
N GLU D 170 -2.71 31.40 -14.36
CA GLU D 170 -3.90 30.87 -13.69
C GLU D 170 -3.91 31.19 -12.19
N ASP D 171 -2.72 31.35 -11.60
CA ASP D 171 -2.57 31.85 -10.22
C ASP D 171 -1.19 32.50 -10.07
N THR D 172 -1.00 33.21 -8.96
CA THR D 172 0.23 33.94 -8.65
C THR D 172 0.72 33.51 -7.27
N ASP D 173 1.59 32.50 -7.25
CA ASP D 173 2.11 31.90 -6.02
C ASP D 173 3.36 32.61 -5.48
N GLY D 174 3.16 33.49 -4.51
CA GLY D 174 4.24 34.23 -3.88
C GLY D 174 4.80 35.35 -4.75
N SER D 175 5.97 35.06 -5.31
CA SER D 175 6.69 35.98 -6.19
C SER D 175 6.72 35.39 -7.61
N ASP D 176 5.88 34.39 -7.84
CA ASP D 176 5.81 33.71 -9.13
C ASP D 176 4.41 33.71 -9.73
N PHE D 177 4.37 33.57 -11.05
CA PHE D 177 3.12 33.37 -11.78
C PHE D 177 3.03 31.88 -12.10
N ILE D 178 1.85 31.27 -11.92
CA ILE D 178 1.63 29.90 -12.36
C ILE D 178 0.97 29.98 -13.74
N GLU D 180 -0.22 28.00 -17.21
CA GLU D 180 -0.51 26.68 -17.75
C GLU D 180 -0.95 26.73 -19.19
N LYS D 181 -0.95 25.59 -19.84
CA LYS D 181 -1.15 25.52 -21.26
C LYS D 181 -1.79 24.17 -21.59
N LYS D 182 -3.08 24.16 -21.93
CA LYS D 182 -3.81 22.93 -22.33
C LYS D 182 -3.44 22.54 -23.76
N TYR D 183 -3.78 21.30 -24.13
CA TYR D 183 -3.56 20.80 -25.49
C TYR D 183 -4.86 20.21 -25.96
#